data_4UHQ
#
_entry.id   4UHQ
#
_cell.length_a   100.575
_cell.length_b   100.575
_cell.length_c   71.532
_cell.angle_alpha   90.00
_cell.angle_beta   90.00
_cell.angle_gamma   90.00
#
_symmetry.space_group_name_H-M   'P 41 21 2'
#
loop_
_entity.id
_entity.type
_entity.pdbx_description
1 polymer 'LARGE COMPONENT OF PYOCIN AP41'
2 non-polymer 'CITRIC ACID'
3 non-polymer 'NICKEL (II) ION'
4 water water
#
_entity_poly.entity_id   1
_entity_poly.type   'polypeptide(L)'
_entity_poly.pdbx_seq_one_letter_code
;DEPGVATGNGQPVTGNWLAGASQGDGVPIPSQIADQLRGKEFKSWRDFREQFWMAVSKDPSALENLSPSNRYFVSQGLAP
YAVPEEHLGSKEKFEIHHVVPLESGGALYNIDNLVIVTPKRHSEIHKELKLKRKEK
;
_entity_poly.pdbx_strand_id   A,B
#
# COMPACT_ATOMS: atom_id res chain seq x y z
N GLU A 2 -1.77 -2.00 -23.66
CA GLU A 2 -1.19 -1.98 -25.00
C GLU A 2 -0.15 -3.08 -25.16
N PRO A 3 -0.46 -4.13 -25.93
CA PRO A 3 0.44 -5.27 -25.98
C PRO A 3 1.71 -5.02 -26.80
N GLY A 4 2.78 -5.74 -26.45
CA GLY A 4 4.03 -5.58 -27.16
C GLY A 4 5.04 -6.61 -26.72
N VAL A 5 6.24 -6.51 -27.28
CA VAL A 5 7.34 -7.41 -27.02
C VAL A 5 8.45 -6.66 -26.30
N ALA A 6 8.99 -7.26 -25.24
CA ALA A 6 10.03 -6.57 -24.53
C ALA A 6 11.35 -6.66 -25.28
N THR A 7 12.12 -5.60 -25.13
CA THR A 7 13.41 -5.49 -25.77
C THR A 7 14.37 -4.95 -24.74
N GLY A 8 15.66 -4.96 -25.07
CA GLY A 8 16.65 -4.33 -24.23
C GLY A 8 17.40 -5.31 -23.34
N ASN A 9 18.53 -4.82 -22.82
CA ASN A 9 19.46 -5.72 -22.19
C ASN A 9 19.80 -5.46 -20.73
N GLY A 10 19.44 -4.27 -20.22
CA GLY A 10 19.79 -3.91 -18.85
C GLY A 10 21.27 -3.63 -18.69
N GLN A 11 21.73 -3.65 -17.43
CA GLN A 11 23.10 -3.31 -17.13
C GLN A 11 23.71 -4.36 -16.23
N PRO A 12 25.02 -4.48 -16.25
CA PRO A 12 25.68 -5.34 -15.26
C PRO A 12 25.61 -4.62 -13.91
N VAL A 13 24.96 -5.26 -12.94
CA VAL A 13 24.77 -4.64 -11.64
C VAL A 13 25.26 -5.61 -10.59
N THR A 14 26.10 -5.13 -9.71
CA THR A 14 26.48 -5.86 -8.51
C THR A 14 26.10 -5.02 -7.29
N GLY A 15 26.16 -5.64 -6.14
CA GLY A 15 25.89 -4.94 -4.91
C GLY A 15 24.40 -4.77 -4.71
N ASN A 16 24.03 -3.76 -3.95
CA ASN A 16 22.62 -3.59 -3.63
C ASN A 16 21.91 -2.87 -4.74
N TRP A 17 21.17 -3.61 -5.55
CA TRP A 17 20.69 -3.03 -6.78
C TRP A 17 19.57 -2.03 -6.60
N LEU A 18 18.97 -1.96 -5.42
CA LEU A 18 17.86 -1.01 -5.22
C LEU A 18 18.24 0.18 -4.35
N ALA A 19 19.47 0.20 -3.83
CA ALA A 19 19.85 1.25 -2.89
C ALA A 19 19.71 2.64 -3.53
N GLY A 20 20.01 2.73 -4.81
CA GLY A 20 19.99 4.03 -5.47
C GLY A 20 18.63 4.46 -5.97
N ALA A 21 17.58 3.68 -5.67
CA ALA A 21 16.26 3.95 -6.21
C ALA A 21 15.67 5.23 -5.66
N SER A 22 16.17 5.71 -4.52
CA SER A 22 15.63 6.94 -3.95
C SER A 22 16.36 8.19 -4.41
N GLN A 23 17.32 8.03 -5.32
CA GLN A 23 18.22 9.14 -5.64
C GLN A 23 18.45 9.26 -7.13
N GLY A 24 18.69 10.48 -7.58
CA GLY A 24 19.13 10.68 -8.96
C GLY A 24 18.21 10.10 -10.00
N ASP A 25 18.77 9.38 -10.95
CA ASP A 25 18.01 8.84 -12.08
C ASP A 25 17.39 7.51 -11.76
N GLY A 26 17.51 7.05 -10.52
CA GLY A 26 17.02 5.72 -10.18
C GLY A 26 18.03 4.68 -10.62
N VAL A 27 17.65 3.40 -10.54
CA VAL A 27 18.64 2.35 -10.80
C VAL A 27 18.26 1.55 -12.06
N PRO A 28 19.29 1.11 -12.80
CA PRO A 28 18.97 0.35 -14.01
C PRO A 28 18.51 -1.07 -13.70
N ILE A 29 17.92 -1.69 -14.71
CA ILE A 29 17.53 -3.10 -14.57
C ILE A 29 18.74 -4.03 -14.73
N PRO A 30 18.97 -4.94 -13.77
CA PRO A 30 20.09 -5.86 -13.91
C PRO A 30 19.95 -6.74 -15.12
N SER A 31 21.05 -6.97 -15.82
CA SER A 31 20.98 -7.71 -17.04
C SER A 31 20.36 -9.10 -16.87
N GLN A 32 20.56 -9.74 -15.72
CA GLN A 32 20.02 -11.09 -15.61
C GLN A 32 18.51 -11.10 -15.46
N ILE A 33 17.95 -9.96 -15.06
CA ILE A 33 16.50 -9.79 -15.01
C ILE A 33 16.03 -9.50 -16.43
N ALA A 34 16.73 -8.61 -17.12
CA ALA A 34 16.38 -8.35 -18.54
C ALA A 34 16.39 -9.64 -19.35
N ASP A 35 17.34 -10.53 -19.07
CA ASP A 35 17.44 -11.77 -19.85
C ASP A 35 16.20 -12.64 -19.73
N GLN A 36 15.46 -12.53 -18.61
CA GLN A 36 14.27 -13.34 -18.40
C GLN A 36 13.03 -12.74 -19.07
N LEU A 37 13.12 -11.51 -19.56
CA LEU A 37 11.97 -10.79 -20.12
C LEU A 37 12.09 -10.46 -21.60
N ARG A 38 13.30 -10.13 -22.03
CA ARG A 38 13.56 -9.74 -23.41
C ARG A 38 13.06 -10.79 -24.40
N GLY A 39 12.37 -10.32 -25.43
CA GLY A 39 11.87 -11.22 -26.45
C GLY A 39 10.50 -11.79 -26.17
N LYS A 40 10.00 -11.65 -24.94
CA LYS A 40 8.70 -12.22 -24.60
C LYS A 40 7.60 -11.24 -24.96
N GLU A 41 6.40 -11.73 -25.25
CA GLU A 41 5.29 -10.81 -25.48
C GLU A 41 4.49 -10.59 -24.20
N PHE A 42 4.02 -9.36 -24.04
CA PHE A 42 3.24 -8.98 -22.89
C PHE A 42 1.92 -8.39 -23.31
N LYS A 43 0.88 -8.67 -22.53
CA LYS A 43 -0.46 -8.28 -22.90
C LYS A 43 -0.76 -6.81 -22.56
N SER A 44 0.02 -6.31 -21.60
CA SER A 44 -0.29 -5.03 -20.96
C SER A 44 0.86 -4.63 -20.08
N TRP A 45 0.86 -3.38 -19.62
CA TRP A 45 1.91 -2.97 -18.69
C TRP A 45 1.83 -3.77 -17.38
N ARG A 46 0.61 -3.96 -16.88
CA ARG A 46 0.44 -4.79 -15.67
C ARG A 46 1.07 -6.18 -15.83
N ASP A 47 0.84 -6.83 -16.97
CA ASP A 47 1.44 -8.13 -17.25
C ASP A 47 2.94 -8.03 -17.16
N PHE A 48 3.52 -7.04 -17.80
CA PHE A 48 4.97 -6.89 -17.72
C PHE A 48 5.45 -6.68 -16.27
N ARG A 49 4.78 -5.79 -15.54
CA ARG A 49 5.20 -5.47 -14.18
C ARG A 49 5.21 -6.75 -13.31
N GLU A 50 4.16 -7.54 -13.42
CA GLU A 50 4.05 -8.78 -12.66
C GLU A 50 5.19 -9.73 -13.04
N GLN A 51 5.47 -9.89 -14.33
CA GLN A 51 6.50 -10.84 -14.73
CA GLN A 51 6.51 -10.82 -14.75
C GLN A 51 7.86 -10.28 -14.36
N PHE A 52 8.00 -8.95 -14.35
CA PHE A 52 9.25 -8.33 -13.94
C PHE A 52 9.54 -8.73 -12.48
N TRP A 53 8.58 -8.53 -11.60
CA TRP A 53 8.90 -8.79 -10.20
C TRP A 53 9.03 -10.28 -9.96
N MET A 54 8.30 -11.12 -10.72
CA MET A 54 8.55 -12.59 -10.61
C MET A 54 9.98 -12.93 -11.05
N ALA A 55 10.50 -12.26 -12.09
CA ALA A 55 11.88 -12.50 -12.49
C ALA A 55 12.85 -12.12 -11.39
N VAL A 56 12.59 -11.00 -10.72
CA VAL A 56 13.40 -10.61 -9.55
C VAL A 56 13.38 -11.73 -8.53
N SER A 57 12.20 -12.26 -8.27
CA SER A 57 12.05 -13.30 -7.23
C SER A 57 12.86 -14.56 -7.51
N LYS A 58 13.17 -14.81 -8.78
CA LYS A 58 13.89 -16.01 -9.16
C LYS A 58 15.39 -15.78 -9.23
N ASP A 59 15.84 -14.56 -8.93
CA ASP A 59 17.27 -14.27 -9.02
C ASP A 59 17.91 -14.04 -7.66
N PRO A 60 18.83 -14.92 -7.25
CA PRO A 60 19.34 -14.78 -5.87
C PRO A 60 20.01 -13.44 -5.59
N SER A 61 20.76 -12.91 -6.55
CA SER A 61 21.44 -11.65 -6.36
C SER A 61 20.48 -10.51 -6.18
N ALA A 62 19.39 -10.52 -6.94
CA ALA A 62 18.42 -9.43 -6.79
C ALA A 62 17.61 -9.55 -5.53
N LEU A 63 17.34 -10.78 -5.10
CA LEU A 63 16.54 -11.02 -3.90
C LEU A 63 17.31 -10.62 -2.65
N GLU A 64 18.65 -10.66 -2.69
CA GLU A 64 19.47 -10.61 -1.47
C GLU A 64 19.30 -9.30 -0.70
N ASN A 65 18.93 -8.22 -1.38
CA ASN A 65 18.77 -6.98 -0.59
CA ASN A 65 18.80 -6.92 -0.75
C ASN A 65 17.31 -6.59 -0.56
N LEU A 66 16.48 -7.61 -0.43
CA LEU A 66 15.10 -7.38 -0.08
C LEU A 66 14.83 -7.98 1.31
N SER A 67 13.97 -7.32 2.07
CA SER A 67 13.52 -7.90 3.32
C SER A 67 12.74 -9.18 3.03
N PRO A 68 12.62 -10.05 4.04
CA PRO A 68 11.81 -11.29 3.85
C PRO A 68 10.38 -11.02 3.37
N SER A 69 9.72 -10.02 3.98
CA SER A 69 8.35 -9.73 3.47
C SER A 69 8.37 -9.32 2.02
N ASN A 70 9.33 -8.49 1.61
CA ASN A 70 9.42 -8.10 0.21
C ASN A 70 9.79 -9.26 -0.72
N ARG A 71 10.55 -10.26 -0.23
CA ARG A 71 10.78 -11.46 -1.05
C ARG A 71 9.48 -12.23 -1.31
N TYR A 72 8.62 -12.29 -0.28
CA TYR A 72 7.31 -12.88 -0.51
C TYR A 72 6.55 -12.10 -1.59
N PHE A 73 6.47 -10.78 -1.43
CA PHE A 73 5.67 -10.05 -2.42
C PHE A 73 6.19 -10.22 -3.85
N VAL A 74 7.50 -10.16 -4.10
CA VAL A 74 7.94 -10.28 -5.49
C VAL A 74 7.70 -11.69 -6.01
N SER A 75 7.68 -12.68 -5.13
CA SER A 75 7.36 -14.05 -5.61
C SER A 75 5.93 -14.15 -6.12
N GLN A 76 5.09 -13.19 -5.73
CA GLN A 76 3.71 -13.14 -6.19
C GLN A 76 3.51 -12.20 -7.36
N GLY A 77 4.61 -11.66 -7.88
CA GLY A 77 4.52 -10.70 -8.99
C GLY A 77 4.12 -9.31 -8.54
N LEU A 78 4.24 -9.06 -7.23
CA LEU A 78 3.92 -7.75 -6.69
C LEU A 78 5.15 -6.94 -6.35
N ALA A 79 5.09 -5.62 -6.50
CA ALA A 79 6.23 -4.81 -6.20
C ALA A 79 6.56 -4.79 -4.72
N PRO A 80 7.87 -4.68 -4.40
CA PRO A 80 8.24 -4.62 -2.99
C PRO A 80 7.97 -3.22 -2.44
N TYR A 81 7.72 -3.13 -1.17
CA TYR A 81 7.49 -1.84 -0.49
C TYR A 81 8.78 -1.12 -0.24
N ALA A 82 8.74 0.19 -0.47
CA ALA A 82 9.85 1.08 -0.08
C ALA A 82 9.69 1.52 1.38
N VAL A 83 10.75 2.08 1.99
CA VAL A 83 10.60 2.57 3.35
C VAL A 83 9.62 3.73 3.40
N PRO A 84 9.02 3.96 4.56
CA PRO A 84 7.92 4.92 4.62
C PRO A 84 8.30 6.34 4.16
N GLU A 85 9.54 6.75 4.39
CA GLU A 85 9.96 8.10 4.03
C GLU A 85 9.92 8.28 2.52
N GLU A 86 9.85 7.18 1.79
CA GLU A 86 9.94 7.23 0.30
C GLU A 86 8.59 7.03 -0.35
N HIS A 87 7.54 6.97 0.46
CA HIS A 87 6.18 6.87 -0.06
C HIS A 87 5.74 8.21 -0.59
N LEU A 88 4.70 8.19 -1.42
CA LEU A 88 4.10 9.43 -1.90
C LEU A 88 2.59 9.24 -1.97
N GLY A 89 1.86 9.86 -1.05
CA GLY A 89 0.43 9.59 -0.93
C GLY A 89 0.18 8.10 -0.74
N SER A 90 -0.73 7.54 -1.54
CA SER A 90 -1.05 6.13 -1.39
C SER A 90 -0.03 5.24 -2.07
N LYS A 91 0.98 5.83 -2.71
CA LYS A 91 1.97 5.00 -3.39
C LYS A 91 3.13 4.61 -2.48
N GLU A 92 3.31 3.31 -2.24
CA GLU A 92 4.21 2.84 -1.21
C GLU A 92 5.28 1.90 -1.74
N LYS A 93 5.18 1.50 -2.99
CA LYS A 93 6.03 0.46 -3.49
C LYS A 93 7.02 0.99 -4.53
N PHE A 94 8.13 0.26 -4.68
CA PHE A 94 9.06 0.59 -5.76
C PHE A 94 8.32 0.58 -7.10
N GLU A 95 8.66 1.56 -7.92
CA GLU A 95 8.01 1.80 -9.21
C GLU A 95 8.97 1.62 -10.34
N ILE A 96 8.45 1.19 -11.49
CA ILE A 96 9.22 1.12 -12.72
C ILE A 96 8.93 2.39 -13.52
N HIS A 97 9.94 3.25 -13.67
CA HIS A 97 9.77 4.52 -14.39
C HIS A 97 10.38 4.42 -15.78
N HIS A 98 9.66 4.98 -16.75
CA HIS A 98 10.16 5.09 -18.11
C HIS A 98 11.03 6.33 -18.23
N VAL A 99 12.32 6.11 -18.47
CA VAL A 99 13.34 7.15 -18.43
C VAL A 99 13.03 8.26 -19.41
N VAL A 100 12.74 7.89 -20.66
CA VAL A 100 12.04 8.79 -21.59
C VAL A 100 10.57 8.48 -21.38
N PRO A 101 9.83 9.43 -20.82
CA PRO A 101 8.45 9.10 -20.50
C PRO A 101 7.60 8.68 -21.69
N LEU A 102 6.60 7.87 -21.41
CA LEU A 102 5.68 7.45 -22.48
C LEU A 102 5.07 8.64 -23.16
N GLU A 103 4.80 9.67 -22.37
CA GLU A 103 4.19 10.85 -22.90
C GLU A 103 5.15 11.74 -23.72
N SER A 104 6.43 11.38 -23.73
CA SER A 104 7.48 12.11 -24.40
C SER A 104 8.15 11.23 -25.44
N GLY A 105 7.44 10.20 -25.88
CA GLY A 105 7.93 9.41 -27.02
C GLY A 105 8.71 8.18 -26.59
N GLY A 106 8.72 7.87 -25.29
CA GLY A 106 9.47 6.71 -24.82
C GLY A 106 8.80 5.36 -25.03
N ALA A 107 9.63 4.32 -25.09
CA ALA A 107 9.19 2.94 -25.35
C ALA A 107 8.64 2.29 -24.08
N LEU A 108 7.52 1.59 -24.24
CA LEU A 108 6.85 0.95 -23.11
C LEU A 108 7.57 -0.26 -22.54
N TYR A 109 8.04 -1.14 -23.42
CA TYR A 109 8.61 -2.43 -22.95
C TYR A 109 10.08 -2.56 -23.27
N ASN A 110 10.73 -1.43 -23.55
CA ASN A 110 12.19 -1.44 -23.72
C ASN A 110 12.83 -1.36 -22.36
N ILE A 111 13.45 -2.46 -21.94
CA ILE A 111 14.03 -2.55 -20.62
C ILE A 111 15.16 -1.52 -20.44
N ASP A 112 15.83 -1.11 -21.52
CA ASP A 112 16.83 -0.05 -21.40
C ASP A 112 16.23 1.35 -21.23
N ASN A 113 14.90 1.46 -21.37
CA ASN A 113 14.17 2.66 -21.02
C ASN A 113 13.54 2.59 -19.64
N LEU A 114 13.97 1.63 -18.83
CA LEU A 114 13.35 1.48 -17.48
C LEU A 114 14.37 1.69 -16.38
N VAL A 115 13.91 2.32 -15.30
CA VAL A 115 14.67 2.29 -14.04
C VAL A 115 13.73 1.95 -12.92
N ILE A 116 14.28 1.54 -11.77
CA ILE A 116 13.47 1.43 -10.56
C ILE A 116 13.72 2.64 -9.69
N VAL A 117 12.63 3.22 -9.19
CA VAL A 117 12.63 4.42 -8.35
C VAL A 117 11.65 4.25 -7.22
N THR A 118 11.87 4.95 -6.12
CA THR A 118 10.83 4.98 -5.08
C THR A 118 9.69 5.89 -5.54
N PRO A 119 8.53 5.79 -4.92
CA PRO A 119 7.45 6.70 -5.31
C PRO A 119 7.83 8.17 -5.17
N LYS A 120 8.50 8.51 -4.06
CA LYS A 120 8.94 9.89 -3.86
C LYS A 120 9.90 10.33 -4.96
N ARG A 121 10.91 9.52 -5.26
CA ARG A 121 11.88 9.96 -6.28
C ARG A 121 11.23 9.98 -7.66
N HIS A 122 10.32 9.06 -7.96
CA HIS A 122 9.67 9.12 -9.28
C HIS A 122 8.93 10.45 -9.47
N SER A 123 8.21 10.89 -8.46
CA SER A 123 7.52 12.18 -8.53
C SER A 123 8.50 13.33 -8.72
N GLU A 124 9.62 13.32 -7.98
CA GLU A 124 10.60 14.36 -8.11
C GLU A 124 11.16 14.37 -9.53
N ILE A 125 11.41 13.20 -10.09
CA ILE A 125 11.99 13.16 -11.44
C ILE A 125 11.04 13.82 -12.44
N HIS A 126 9.75 13.55 -12.32
CA HIS A 126 8.81 14.15 -13.24
C HIS A 126 8.68 15.66 -13.03
N LYS A 127 8.72 16.11 -11.78
CA LYS A 127 8.77 17.55 -11.54
C LYS A 127 9.98 18.18 -12.22
N GLU A 128 11.15 17.55 -12.05
CA GLU A 128 12.38 18.08 -12.63
C GLU A 128 12.29 18.09 -14.14
N LEU A 129 11.72 17.03 -14.72
CA LEU A 129 11.63 17.03 -16.18
C LEU A 129 10.78 18.17 -16.66
N LYS A 130 9.71 18.43 -15.91
CA LYS A 130 8.81 19.51 -16.32
C LYS A 130 9.47 20.87 -16.26
N LEU A 131 10.23 21.07 -15.20
CA LEU A 131 10.91 22.34 -15.03
C LEU A 131 11.89 22.56 -16.13
N LYS A 132 12.60 21.51 -16.50
CA LYS A 132 13.69 21.63 -17.46
C LYS A 132 13.18 21.91 -18.89
N ARG A 133 11.90 21.65 -19.16
CA ARG A 133 11.32 22.15 -20.41
C ARG A 133 11.40 23.68 -20.55
N LYS A 134 11.54 24.38 -19.43
CA LYS A 134 11.79 25.82 -19.43
C LYS A 134 13.28 26.07 -19.25
N ASP B 1 -10.90 18.09 4.86
CA ASP B 1 -11.68 19.30 4.63
C ASP B 1 -13.05 19.29 5.33
N GLU B 2 -13.42 18.16 5.94
CA GLU B 2 -14.70 18.09 6.64
C GLU B 2 -14.52 17.89 8.15
N PRO B 3 -14.17 18.95 8.85
CA PRO B 3 -13.88 18.93 10.27
C PRO B 3 -15.10 18.60 11.10
N GLY B 4 -14.88 18.10 12.31
CA GLY B 4 -15.99 17.71 13.14
C GLY B 4 -15.51 17.26 14.51
N VAL B 5 -16.46 16.88 15.37
CA VAL B 5 -16.14 16.47 16.73
C VAL B 5 -16.54 15.03 16.95
N ALA B 6 -15.62 14.19 17.47
CA ALA B 6 -15.98 12.78 17.60
C ALA B 6 -16.93 12.60 18.77
N THR B 7 -17.83 11.63 18.62
CA THR B 7 -18.77 11.25 19.68
C THR B 7 -18.77 9.74 19.86
N GLY B 8 -19.36 9.26 20.95
CA GLY B 8 -19.63 7.84 21.08
C GLY B 8 -18.65 7.08 21.96
N ASN B 9 -19.02 5.85 22.32
CA ASN B 9 -18.36 5.16 23.43
C ASN B 9 -17.60 3.90 23.08
N GLY B 10 -17.88 3.34 21.91
CA GLY B 10 -17.30 2.05 21.58
C GLY B 10 -17.82 0.97 22.50
N GLN B 11 -17.14 -0.16 22.49
CA GLN B 11 -17.58 -1.34 23.23
C GLN B 11 -16.41 -1.95 23.97
N PRO B 12 -16.67 -2.61 25.09
CA PRO B 12 -15.60 -3.38 25.74
C PRO B 12 -15.19 -4.53 24.83
N VAL B 13 -13.89 -4.73 24.64
CA VAL B 13 -13.37 -5.77 23.76
C VAL B 13 -12.23 -6.49 24.43
N THR B 14 -12.26 -7.82 24.45
CA THR B 14 -11.13 -8.58 24.97
C THR B 14 -10.57 -9.51 23.89
N GLY B 15 -9.38 -10.07 24.16
CA GLY B 15 -8.75 -10.95 23.21
C GLY B 15 -8.20 -10.24 21.99
N ASN B 16 -8.07 -10.98 20.90
CA ASN B 16 -7.47 -10.47 19.67
C ASN B 16 -8.52 -9.68 18.90
N TRP B 17 -8.52 -8.37 19.15
CA TRP B 17 -9.65 -7.56 18.74
C TRP B 17 -9.79 -7.53 17.23
N LEU B 18 -8.69 -7.65 16.51
CA LEU B 18 -8.79 -7.48 15.05
C LEU B 18 -9.04 -8.78 14.33
N ALA B 19 -9.00 -9.88 15.07
CA ALA B 19 -9.22 -11.15 14.42
C ALA B 19 -10.56 -11.20 13.67
N GLY B 20 -11.57 -10.51 14.20
CA GLY B 20 -12.89 -10.61 13.61
C GLY B 20 -13.12 -9.62 12.48
N ALA B 21 -12.09 -8.85 12.13
CA ALA B 21 -12.26 -7.82 11.11
C ALA B 21 -12.53 -8.42 9.73
N SER B 22 -12.23 -9.70 9.55
CA SER B 22 -12.44 -10.36 8.26
C SER B 22 -13.82 -11.01 8.15
N GLN B 23 -14.64 -10.88 9.18
CA GLN B 23 -15.87 -11.66 9.25
C GLN B 23 -17.02 -10.80 9.73
N GLY B 24 -18.22 -11.21 9.34
CA GLY B 24 -19.43 -10.63 9.90
C GLY B 24 -19.48 -9.12 9.72
N ASP B 25 -19.90 -8.42 10.76
CA ASP B 25 -20.06 -6.98 10.64
C ASP B 25 -18.78 -6.25 10.98
N GLY B 26 -17.66 -6.97 11.08
CA GLY B 26 -16.42 -6.30 11.44
C GLY B 26 -16.39 -6.18 12.96
N VAL B 27 -15.37 -5.50 13.49
CA VAL B 27 -15.24 -5.41 14.93
C VAL B 27 -15.43 -3.98 15.46
N PRO B 28 -16.06 -3.83 16.63
CA PRO B 28 -16.34 -2.53 17.20
C PRO B 28 -15.07 -1.86 17.70
N ILE B 29 -15.14 -0.54 17.90
CA ILE B 29 -14.00 0.20 18.43
C ILE B 29 -13.94 -0.04 19.95
N PRO B 30 -12.81 -0.52 20.44
CA PRO B 30 -12.70 -0.77 21.89
C PRO B 30 -12.99 0.49 22.71
N SER B 31 -13.68 0.36 23.85
CA SER B 31 -14.03 1.57 24.58
C SER B 31 -12.81 2.40 25.02
N GLN B 32 -11.68 1.75 25.31
CA GLN B 32 -10.52 2.52 25.78
C GLN B 32 -9.89 3.30 24.65
N ILE B 33 -10.12 2.87 23.42
CA ILE B 33 -9.68 3.63 22.25
C ILE B 33 -10.64 4.80 22.01
N ALA B 34 -11.95 4.53 22.06
CA ALA B 34 -12.95 5.58 21.93
C ALA B 34 -12.68 6.70 22.96
N ASP B 35 -12.20 6.30 24.14
CA ASP B 35 -11.94 7.25 25.23
C ASP B 35 -10.89 8.31 24.85
N GLN B 36 -9.96 7.95 23.97
CA GLN B 36 -8.89 8.82 23.53
C GLN B 36 -9.33 9.74 22.40
N LEU B 37 -10.52 9.53 21.86
CA LEU B 37 -10.98 10.27 20.69
C LEU B 37 -12.25 11.08 20.95
N ARG B 38 -13.14 10.53 21.76
CA ARG B 38 -14.44 11.14 22.02
C ARG B 38 -14.28 12.55 22.56
N GLY B 39 -15.01 13.51 21.99
CA GLY B 39 -14.96 14.87 22.49
C GLY B 39 -13.91 15.74 21.83
N LYS B 40 -13.01 15.15 21.05
CA LYS B 40 -11.97 15.90 20.38
C LYS B 40 -12.40 16.42 19.01
N GLU B 41 -11.86 17.56 18.61
CA GLU B 41 -12.12 18.07 17.27
C GLU B 41 -11.10 17.50 16.31
N PHE B 42 -11.55 17.19 15.11
CA PHE B 42 -10.71 16.68 14.05
C PHE B 42 -10.81 17.53 12.81
N LYS B 43 -9.68 17.74 12.16
CA LYS B 43 -9.63 18.65 11.03
C LYS B 43 -10.20 17.99 9.78
N SER B 44 -10.20 16.65 9.76
CA SER B 44 -10.52 15.89 8.57
C SER B 44 -10.63 14.43 8.93
N TRP B 45 -11.16 13.62 8.04
CA TRP B 45 -11.18 12.20 8.30
C TRP B 45 -9.74 11.65 8.45
N ARG B 46 -8.82 12.11 7.63
CA ARG B 46 -7.45 11.69 7.76
C ARG B 46 -6.89 11.95 9.17
N ASP B 47 -7.16 13.12 9.72
CA ASP B 47 -6.74 13.45 11.07
C ASP B 47 -7.30 12.45 12.08
N PHE B 48 -8.60 12.18 12.01
CA PHE B 48 -9.21 11.17 12.87
C PHE B 48 -8.54 9.79 12.70
N ARG B 49 -8.35 9.38 11.44
CA ARG B 49 -7.76 8.05 11.18
C ARG B 49 -6.38 7.93 11.83
N GLU B 50 -5.57 8.96 11.65
CA GLU B 50 -4.22 8.96 12.22
C GLU B 50 -4.28 8.89 13.74
N GLN B 51 -5.14 9.69 14.35
CA GLN B 51 -5.25 9.66 15.81
C GLN B 51 -5.81 8.35 16.30
N PHE B 52 -6.70 7.74 15.53
CA PHE B 52 -7.24 6.46 15.89
C PHE B 52 -6.11 5.42 15.95
N TRP B 53 -5.31 5.31 14.89
CA TRP B 53 -4.30 4.26 14.92
C TRP B 53 -3.21 4.59 15.94
N MET B 54 -2.95 5.88 16.18
CA MET B 54 -2.01 6.20 17.26
C MET B 54 -2.52 5.77 18.60
N ALA B 55 -3.83 5.90 18.84
CA ALA B 55 -4.42 5.46 20.11
C ALA B 55 -4.29 3.94 20.21
N VAL B 56 -4.51 3.24 19.09
CA VAL B 56 -4.27 1.80 19.08
C VAL B 56 -2.85 1.49 19.46
N SER B 57 -1.88 2.25 18.95
CA SER B 57 -0.47 2.00 19.27
C SER B 57 -0.07 2.16 20.73
N LYS B 58 -0.93 2.85 21.49
CA LYS B 58 -0.67 3.12 22.91
C LYS B 58 -1.34 2.10 23.81
N ASP B 59 -2.00 1.13 23.20
CA ASP B 59 -2.76 0.13 23.96
C ASP B 59 -2.12 -1.23 23.84
N PRO B 60 -1.51 -1.70 24.92
CA PRO B 60 -0.77 -2.96 24.84
C PRO B 60 -1.65 -4.13 24.37
N SER B 61 -2.88 -4.18 24.84
CA SER B 61 -3.89 -5.16 24.40
C SER B 61 -4.09 -5.20 22.90
N ALA B 62 -4.12 -4.03 22.27
CA ALA B 62 -4.34 -4.02 20.84
C ALA B 62 -3.06 -4.39 20.10
N LEU B 63 -1.95 -3.91 20.62
CA LEU B 63 -0.66 -4.05 19.95
C LEU B 63 -0.15 -5.50 19.95
N GLU B 64 -0.50 -6.22 20.99
CA GLU B 64 0.02 -7.55 21.27
C GLU B 64 -0.15 -8.53 20.14
N ASN B 65 -1.23 -8.38 19.39
CA ASN B 65 -1.55 -9.35 18.35
CA ASN B 65 -1.60 -9.32 18.34
C ASN B 65 -1.17 -8.84 16.95
N LEU B 66 -0.52 -7.68 16.90
CA LEU B 66 -0.04 -7.14 15.61
C LEU B 66 1.38 -7.62 15.33
N SER B 67 1.70 -7.81 14.04
CA SER B 67 3.08 -8.10 13.69
C SER B 67 3.97 -6.94 14.05
N PRO B 68 5.28 -7.17 14.22
CA PRO B 68 6.18 -6.05 14.53
C PRO B 68 6.10 -4.93 13.49
N SER B 69 6.02 -5.24 12.19
CA SER B 69 5.93 -4.11 11.23
C SER B 69 4.62 -3.36 11.44
N ASN B 70 3.53 -4.07 11.69
CA ASN B 70 2.29 -3.35 11.93
C ASN B 70 2.30 -2.52 13.21
N ARG B 71 3.05 -2.96 14.23
CA ARG B 71 3.21 -2.14 15.43
C ARG B 71 3.91 -0.83 15.09
N TYR B 72 4.92 -0.92 14.24
CA TYR B 72 5.58 0.33 13.80
C TYR B 72 4.57 1.24 13.08
N PHE B 73 3.80 0.66 12.14
CA PHE B 73 2.91 1.53 11.36
C PHE B 73 1.89 2.20 12.26
N VAL B 74 1.25 1.47 13.19
CA VAL B 74 0.25 2.19 14.00
C VAL B 74 0.89 3.25 14.91
N SER B 75 2.15 3.05 15.33
CA SER B 75 2.80 4.09 16.12
C SER B 75 2.98 5.38 15.33
N GLN B 76 2.91 5.30 14.01
CA GLN B 76 3.00 6.51 13.16
C GLN B 76 1.64 7.02 12.73
N GLY B 77 0.57 6.42 13.24
CA GLY B 77 -0.78 6.84 12.86
C GLY B 77 -1.20 6.23 11.55
N LEU B 78 -0.52 5.17 11.10
CA LEU B 78 -0.83 4.54 9.83
C LEU B 78 -1.54 3.22 10.08
N ALA B 79 -2.49 2.87 9.21
CA ALA B 79 -3.22 1.65 9.40
C ALA B 79 -2.35 0.43 9.18
N PRO B 80 -2.59 -0.60 9.94
CA PRO B 80 -1.81 -1.83 9.73
C PRO B 80 -2.26 -2.59 8.50
N TYR B 81 -1.35 -3.36 7.91
CA TYR B 81 -1.70 -4.17 6.75
C TYR B 81 -2.42 -5.46 7.15
N ALA B 82 -3.42 -5.82 6.33
CA ALA B 82 -4.09 -7.09 6.46
C ALA B 82 -3.31 -8.14 5.67
N VAL B 83 -3.55 -9.43 5.93
CA VAL B 83 -2.87 -10.43 5.12
C VAL B 83 -3.32 -10.36 3.67
N PRO B 84 -2.50 -10.85 2.76
CA PRO B 84 -2.80 -10.73 1.34
C PRO B 84 -4.17 -11.23 0.92
N GLU B 85 -4.65 -12.33 1.51
CA GLU B 85 -5.96 -12.86 1.15
C GLU B 85 -7.11 -11.92 1.48
N GLU B 86 -6.87 -10.93 2.32
CA GLU B 86 -7.92 -10.01 2.74
C GLU B 86 -7.78 -8.68 2.02
N HIS B 87 -6.86 -8.58 1.07
CA HIS B 87 -6.74 -7.35 0.26
C HIS B 87 -7.86 -7.29 -0.75
N LEU B 88 -8.11 -6.09 -1.28
CA LEU B 88 -9.03 -5.92 -2.42
C LEU B 88 -8.43 -4.90 -3.38
N GLY B 89 -7.95 -5.35 -4.54
CA GLY B 89 -7.28 -4.44 -5.44
C GLY B 89 -6.07 -3.75 -4.78
N SER B 90 -6.04 -2.42 -4.83
CA SER B 90 -4.92 -1.72 -4.19
C SER B 90 -5.16 -1.48 -2.71
N LYS B 91 -6.31 -1.90 -2.17
CA LYS B 91 -6.60 -1.71 -0.75
C LYS B 91 -6.04 -2.87 0.08
N GLU B 92 -5.11 -2.57 1.00
CA GLU B 92 -4.30 -3.63 1.62
C GLU B 92 -4.34 -3.55 3.13
N LYS B 93 -4.97 -2.53 3.69
CA LYS B 93 -4.88 -2.26 5.12
C LYS B 93 -6.19 -2.39 5.82
N PHE B 94 -6.17 -2.66 7.11
CA PHE B 94 -7.41 -2.58 7.89
C PHE B 94 -8.04 -1.21 7.71
N GLU B 95 -9.37 -1.23 7.55
CA GLU B 95 -10.17 -0.07 7.20
C GLU B 95 -11.18 0.21 8.26
N ILE B 96 -11.51 1.50 8.39
CA ILE B 96 -12.58 1.89 9.30
C ILE B 96 -13.84 2.04 8.46
N HIS B 97 -14.85 1.22 8.71
CA HIS B 97 -16.09 1.30 7.93
C HIS B 97 -17.18 1.97 8.75
N HIS B 98 -17.95 2.81 8.06
CA HIS B 98 -19.12 3.44 8.65
C HIS B 98 -20.29 2.51 8.51
N VAL B 99 -20.78 2.07 9.66
CA VAL B 99 -21.80 1.02 9.75
C VAL B 99 -23.08 1.43 9.02
N VAL B 100 -23.58 2.65 9.32
CA VAL B 100 -24.49 3.35 8.42
C VAL B 100 -23.58 4.13 7.49
N PRO B 101 -23.51 3.73 6.20
CA PRO B 101 -22.51 4.37 5.33
C PRO B 101 -22.71 5.88 5.23
N LEU B 102 -21.59 6.55 4.99
CA LEU B 102 -21.65 7.98 4.75
C LEU B 102 -22.59 8.26 3.58
N GLU B 103 -22.52 7.42 2.55
CA GLU B 103 -23.36 7.63 1.38
C GLU B 103 -24.87 7.36 1.63
N SER B 104 -25.19 6.77 2.79
CA SER B 104 -26.56 6.48 3.19
C SER B 104 -26.98 7.33 4.39
N GLY B 105 -26.22 8.38 4.70
CA GLY B 105 -26.66 9.30 5.75
C GLY B 105 -25.97 9.09 7.08
N GLY B 106 -24.93 8.26 7.13
CA GLY B 106 -24.27 7.96 8.38
C GLY B 106 -23.30 9.02 8.91
N ALA B 107 -23.15 9.09 10.22
CA ALA B 107 -22.24 10.06 10.83
C ALA B 107 -20.78 9.71 10.68
N LEU B 108 -19.98 10.74 10.40
CA LEU B 108 -18.57 10.59 10.08
C LEU B 108 -17.71 10.27 11.30
N TYR B 109 -17.94 10.99 12.40
CA TYR B 109 -17.05 10.83 13.56
C TYR B 109 -17.76 10.21 14.75
N ASN B 110 -18.92 9.61 14.52
CA ASN B 110 -19.63 8.93 15.58
C ASN B 110 -18.95 7.56 15.74
N ILE B 111 -18.20 7.36 16.83
CA ILE B 111 -17.42 6.12 17.02
C ILE B 111 -18.30 4.88 17.10
N ASP B 112 -19.56 5.07 17.50
CA ASP B 112 -20.46 3.95 17.57
C ASP B 112 -21.03 3.61 16.19
N ASN B 113 -20.71 4.43 15.20
CA ASN B 113 -21.01 4.13 13.79
C ASN B 113 -19.82 3.57 13.07
N LEU B 114 -18.79 3.10 13.81
CA LEU B 114 -17.55 2.63 13.17
C LEU B 114 -17.26 1.17 13.54
N VAL B 115 -16.72 0.43 12.56
CA VAL B 115 -16.08 -0.86 12.85
C VAL B 115 -14.80 -0.94 12.08
N ILE B 116 -13.93 -1.87 12.51
CA ILE B 116 -12.73 -2.16 11.71
C ILE B 116 -13.00 -3.44 10.88
N VAL B 117 -12.65 -3.36 9.60
CA VAL B 117 -12.85 -4.46 8.68
C VAL B 117 -11.61 -4.61 7.80
N THR B 118 -11.39 -5.80 7.27
CA THR B 118 -10.39 -5.89 6.21
C THR B 118 -10.94 -5.31 4.89
N PRO B 119 -10.08 -5.03 3.89
CA PRO B 119 -10.60 -4.52 2.63
C PRO B 119 -11.58 -5.49 2.01
N LYS B 120 -11.27 -6.78 2.04
CA LYS B 120 -12.15 -7.77 1.45
C LYS B 120 -13.51 -7.77 2.16
N ARG B 121 -13.50 -7.78 3.49
CA ARG B 121 -14.80 -7.85 4.16
C ARG B 121 -15.58 -6.54 4.00
N HIS B 122 -14.89 -5.41 3.99
CA HIS B 122 -15.55 -4.12 3.80
C HIS B 122 -16.34 -4.15 2.49
N SER B 123 -15.74 -4.67 1.42
CA SER B 123 -16.42 -4.71 0.13
C SER B 123 -17.61 -5.64 0.16
N GLU B 124 -17.45 -6.78 0.82
CA GLU B 124 -18.55 -7.73 0.92
C GLU B 124 -19.70 -7.11 1.72
N ILE B 125 -19.40 -6.39 2.79
CA ILE B 125 -20.48 -5.76 3.56
C ILE B 125 -21.27 -4.80 2.70
N HIS B 126 -20.59 -4.00 1.89
CA HIS B 126 -21.33 -3.07 1.03
C HIS B 126 -22.13 -3.77 -0.04
N LYS B 127 -21.62 -4.89 -0.54
CA LYS B 127 -22.44 -5.63 -1.49
C LYS B 127 -23.70 -6.16 -0.81
N GLU B 128 -23.56 -6.64 0.41
CA GLU B 128 -24.70 -7.15 1.18
C GLU B 128 -25.70 -6.03 1.50
N LEU B 129 -25.20 -4.86 1.91
CA LEU B 129 -26.09 -3.73 2.15
C LEU B 129 -26.90 -3.39 0.93
N LYS B 130 -26.23 -3.41 -0.22
CA LYS B 130 -26.93 -3.09 -1.48
C LYS B 130 -28.03 -4.09 -1.80
N LEU B 131 -27.78 -5.36 -1.54
CA LEU B 131 -28.79 -6.39 -1.77
C LEU B 131 -29.99 -6.22 -0.86
N LYS B 132 -29.75 -5.74 0.36
CA LYS B 132 -30.87 -5.51 1.28
C LYS B 132 -31.68 -4.26 0.92
N ARG B 133 -31.09 -3.35 0.14
CA ARG B 133 -31.86 -2.19 -0.33
C ARG B 133 -32.86 -2.57 -1.42
N LYS B 134 -32.89 -3.84 -1.79
CA LYS B 134 -33.74 -4.31 -2.89
C LYS B 134 -34.75 -5.37 -2.45
#